data_5Y9B
#
_entry.id   5Y9B
#
_cell.length_a   60.560
_cell.length_b   61.396
_cell.length_c   145.810
_cell.angle_alpha   90.00
_cell.angle_beta   90.00
_cell.angle_gamma   90.00
#
_symmetry.space_group_name_H-M   'P 21 21 21'
#
loop_
_entity.id
_entity.type
_entity.pdbx_description
1 polymer 'Gamma glutamyl transpeptidase'
2 polymer 'Gamma glutamyl transpeptidase'
3 non-polymer 'CALCIUM ION'
4 non-polymer 6-DIAZENYL-5-OXO-L-NORLEUCINE
5 non-polymer 1,2-ETHANEDIOL
6 water water
#
loop_
_entity_poly.entity_id
_entity_poly.type
_entity_poly.pdbx_seq_one_letter_code
_entity_poly.pdbx_strand_id
1 'polypeptide(L)'
;MRRLAFLVVAFCLAVGCFFSPVSKAEGVMSGGDGDKVAVGKDGMVATAHPLASKIGAEVLKKGGNAIDAAIAIQYALNVT
EPMMSGIGGGGFMMVYDGETRETSIINSRERAPEGAKPDMFLDEDGKVIPFSERSRHGNAVGVPGTLKGLEAAHKKWGTK
KLEDLISPSIKLTEEGFPIDSVLADAIKDHQDKLSKTAAKDIFLPDGEPLKEGDILVQKDLAKTFKLIRKEGSKAFYDGE
IGRAIADVVQDFGGSMTPDDLSRYEVTTDKPIWGEYHGYDIASMPPPSSGGVFMLQVLKLIDDFHLSQYDPKSFEKYHLL
AETMHLSYADRAAYAGDPEFVDVPLRGLLDPDYIKERQKLISLDSMNRDVKEGDPWKYEEGEPNYEIVPQPEDKTIGE
;
A
2 'polypeptide(L)'
;TTHFTVTDQWGNVVSYTTTIEQLFGTGILVPGYGLFLNNELTDFDAIPGGANEVQPNKRPLSSMTPTIVFKDEKPVLTVG
SPGGTTIIASVFQTILNYFEYGMSLQDAIEEPRIYTNSLTSYRYESGMPEDVRRKLNDFGHKFGSNPVDIGNVQSIFIDR
ENKTFMGVADSSRNGTAVGVNNKTSAE
;
B
#
# COMPACT_ATOMS: atom_id res chain seq x y z
N ASP A 35 -8.61 21.21 -4.00
CA ASP A 35 -7.25 21.33 -3.37
C ASP A 35 -6.40 20.12 -3.79
N LYS A 36 -6.55 19.75 -5.06
CA LYS A 36 -5.94 18.55 -5.63
C LYS A 36 -4.46 18.76 -5.97
N VAL A 37 -4.07 20.02 -6.16
CA VAL A 37 -2.71 20.41 -6.50
C VAL A 37 -2.34 21.60 -5.64
N ALA A 38 -1.13 21.63 -5.13
CA ALA A 38 -0.68 22.71 -4.24
C ALA A 38 0.83 22.96 -4.35
N VAL A 39 1.25 24.18 -4.03
CA VAL A 39 2.66 24.57 -4.05
C VAL A 39 3.01 25.12 -2.69
N GLY A 40 4.28 25.08 -2.34
CA GLY A 40 4.71 25.53 -1.03
C GLY A 40 6.19 25.66 -0.97
N LYS A 41 6.67 26.64 -0.19
CA LYS A 41 8.10 26.94 -0.16
C LYS A 41 8.76 26.12 0.92
N ASP A 42 8.09 25.90 2.05
CA ASP A 42 8.76 25.29 3.24
C ASP A 42 8.24 23.93 3.68
N GLY A 43 7.16 23.45 3.05
CA GLY A 43 6.70 22.10 3.26
C GLY A 43 5.57 21.73 2.31
N MET A 44 5.24 20.44 2.31
CA MET A 44 4.14 19.97 1.50
C MET A 44 3.66 18.66 2.08
N VAL A 45 2.33 18.51 2.02
CA VAL A 45 1.66 17.33 2.50
C VAL A 45 0.69 16.92 1.40
N ALA A 46 0.59 15.63 1.13
CA ALA A 46 -0.50 15.11 0.31
C ALA A 46 -0.98 13.78 0.85
N THR A 47 -2.29 13.71 1.13
CA THR A 47 -2.95 12.57 1.76
C THR A 47 -4.33 12.33 1.09
N ALA A 48 -4.95 11.19 1.38
CA ALA A 48 -6.28 10.84 0.83
C ALA A 48 -7.50 11.48 1.51
N HIS A 49 -7.28 12.29 2.56
CA HIS A 49 -8.39 12.93 3.29
C HIS A 49 -8.04 14.37 3.66
N PRO A 50 -8.93 15.32 3.31
CA PRO A 50 -8.69 16.74 3.54
C PRO A 50 -8.34 17.06 5.00
N LEU A 51 -8.99 16.38 5.92
CA LEU A 51 -8.73 16.63 7.33
C LEU A 51 -7.34 16.14 7.78
N ALA A 52 -6.85 15.04 7.19
CA ALA A 52 -5.52 14.56 7.55
C ALA A 52 -4.43 15.40 6.88
N SER A 53 -4.72 15.92 5.68
CA SER A 53 -3.84 16.90 5.05
C SER A 53 -3.60 18.19 5.91
N LYS A 54 -4.68 18.74 6.47
CA LYS A 54 -4.61 19.96 7.28
C LYS A 54 -3.88 19.77 8.61
N ILE A 55 -4.22 18.70 9.31
CA ILE A 55 -3.50 18.29 10.52
C ILE A 55 -2.00 18.23 10.21
N GLY A 56 -1.66 17.48 9.14
CA GLY A 56 -0.28 17.36 8.68
C GLY A 56 0.42 18.66 8.36
N ALA A 57 -0.27 19.51 7.60
CA ALA A 57 0.22 20.87 7.31
C ALA A 57 0.48 21.67 8.57
N GLU A 58 -0.47 21.61 9.52
CA GLU A 58 -0.37 22.41 10.72
C GLU A 58 0.91 22.01 11.47
N VAL A 59 1.19 20.71 11.58
CA VAL A 59 2.42 20.22 12.25
C VAL A 59 3.69 20.91 11.70
N LEU A 60 3.80 20.92 10.38
CA LEU A 60 4.90 21.59 9.70
C LEU A 60 4.91 23.13 9.92
N LYS A 61 3.71 23.73 9.91
CA LYS A 61 3.48 25.17 10.15
C LYS A 61 3.91 25.59 11.59
N LYS A 62 3.64 24.76 12.60
CA LYS A 62 4.16 24.95 13.97
C LYS A 62 5.64 24.50 14.17
N GLY A 63 6.40 24.30 13.09
CA GLY A 63 7.84 23.95 13.19
C GLY A 63 8.21 22.47 13.27
N GLY A 64 7.21 21.60 13.12
CA GLY A 64 7.42 20.14 13.05
C GLY A 64 8.13 19.71 11.76
N ASN A 65 8.84 18.57 11.81
CA ASN A 65 9.45 17.95 10.62
C ASN A 65 8.46 16.95 10.00
N ALA A 66 8.87 16.33 8.89
CA ALA A 66 7.96 15.57 8.05
C ALA A 66 7.58 14.28 8.73
N ILE A 67 8.48 13.80 9.57
CA ILE A 67 8.22 12.63 10.35
C ILE A 67 7.20 12.95 11.43
N ASP A 68 7.29 14.11 12.09
CA ASP A 68 6.22 14.60 13.01
C ASP A 68 4.89 14.68 12.27
N ALA A 69 4.90 15.32 11.11
CA ALA A 69 3.65 15.45 10.33
C ALA A 69 3.07 14.05 9.93
N ALA A 70 3.93 13.15 9.49
CA ALA A 70 3.49 11.81 9.05
C ALA A 70 2.79 11.04 10.15
N ILE A 71 3.35 11.08 11.37
CA ILE A 71 2.78 10.37 12.53
C ILE A 71 1.40 10.91 12.80
N ALA A 72 1.28 12.23 12.81
CA ALA A 72 -0.02 12.84 13.07
C ALA A 72 -1.00 12.49 11.96
N ILE A 73 -0.52 12.47 10.71
CA ILE A 73 -1.36 12.04 9.58
C ILE A 73 -1.88 10.59 9.73
N GLN A 74 -1.00 9.65 10.10
CA GLN A 74 -1.46 8.27 10.25
C GLN A 74 -2.61 8.23 11.27
N TYR A 75 -2.46 8.97 12.38
CA TYR A 75 -3.50 9.01 13.40
C TYR A 75 -4.76 9.62 12.83
N ALA A 76 -4.62 10.76 12.14
CA ALA A 76 -5.82 11.39 11.58
C ALA A 76 -6.59 10.49 10.60
N LEU A 77 -5.84 9.85 9.69
CA LEU A 77 -6.39 8.87 8.75
C LEU A 77 -7.01 7.62 9.43
N ASN A 78 -6.35 7.04 10.43
CA ASN A 78 -7.01 6.01 11.30
C ASN A 78 -8.48 6.37 11.65
N VAL A 79 -8.71 7.65 11.91
CA VAL A 79 -10.02 8.19 12.35
C VAL A 79 -10.92 8.55 11.17
N THR A 80 -10.39 9.23 10.16
CA THR A 80 -11.21 9.75 9.04
C THR A 80 -11.35 8.85 7.82
N GLU A 81 -10.41 7.91 7.73
CA GLU A 81 -10.37 6.93 6.66
C GLU A 81 -10.08 5.58 7.33
N PRO A 82 -11.01 5.14 8.22
CA PRO A 82 -10.73 4.03 9.13
C PRO A 82 -10.84 2.66 8.42
N MET A 83 -11.45 2.62 7.25
CA MET A 83 -11.44 1.41 6.41
C MET A 83 -10.05 1.10 5.77
N MET A 84 -9.13 2.07 5.74
CA MET A 84 -7.93 1.97 4.87
C MET A 84 -6.64 1.74 5.60
N SER A 85 -6.50 2.29 6.79
CA SER A 85 -5.32 2.00 7.59
C SER A 85 -5.56 2.32 9.05
N GLY A 86 -4.58 2.00 9.89
CA GLY A 86 -4.54 2.47 11.29
C GLY A 86 -3.72 1.56 12.20
N ILE A 87 -3.98 1.63 13.51
CA ILE A 87 -3.10 0.94 14.50
C ILE A 87 -3.44 -0.54 14.60
N GLY A 88 -4.55 -0.92 13.99
CA GLY A 88 -4.86 -2.32 13.78
C GLY A 88 -4.26 -2.98 12.54
N GLY A 89 -3.37 -2.27 11.83
CA GLY A 89 -2.67 -2.82 10.66
C GLY A 89 -1.17 -2.65 10.61
N GLY A 90 -0.66 -2.37 9.40
CA GLY A 90 0.78 -2.28 9.18
C GLY A 90 1.12 -1.56 7.89
N GLY A 91 2.39 -1.20 7.73
CA GLY A 91 2.80 -0.26 6.69
C GLY A 91 4.29 -0.19 6.44
N PHE A 92 4.66 0.45 5.36
CA PHE A 92 6.04 0.70 5.06
C PHE A 92 6.26 2.21 4.94
N MET A 93 7.10 2.75 5.83
CA MET A 93 7.32 4.19 5.90
C MET A 93 8.72 4.45 5.41
N MET A 94 8.79 5.03 4.20
CA MET A 94 10.07 5.36 3.60
C MET A 94 10.45 6.79 3.98
N VAL A 95 11.70 6.98 4.44
CA VAL A 95 12.15 8.27 4.93
C VAL A 95 13.52 8.62 4.35
N TYR A 96 13.61 9.71 3.57
CA TYR A 96 14.92 10.29 3.27
C TYR A 96 15.28 11.27 4.38
N ASP A 97 16.37 10.95 5.07
CA ASP A 97 16.90 11.81 6.13
C ASP A 97 17.70 12.98 5.55
N GLY A 98 17.12 14.18 5.66
CA GLY A 98 17.75 15.44 5.25
C GLY A 98 19.14 15.71 5.86
N GLU A 99 19.40 15.25 7.09
CA GLU A 99 20.72 15.38 7.76
C GLU A 99 21.78 14.47 7.16
N THR A 100 21.53 13.17 7.24
CA THR A 100 22.50 12.15 6.88
C THR A 100 22.47 11.78 5.38
N ARG A 101 21.46 12.26 4.65
CA ARG A 101 21.29 11.87 3.22
C ARG A 101 21.12 10.35 2.99
N GLU A 102 20.54 9.66 3.98
CA GLU A 102 20.33 8.21 3.96
C GLU A 102 18.84 7.96 3.85
N THR A 103 18.48 6.90 3.12
CA THR A 103 17.08 6.56 2.92
C THR A 103 16.83 5.28 3.62
N SER A 104 15.75 5.25 4.39
CA SER A 104 15.44 4.08 5.19
C SER A 104 13.96 3.85 5.26
N ILE A 105 13.61 2.61 5.60
CA ILE A 105 12.23 2.21 5.67
C ILE A 105 11.94 1.57 7.02
N ILE A 106 11.00 2.19 7.74
CA ILE A 106 10.38 1.63 8.95
C ILE A 106 9.29 0.63 8.51
N ASN A 107 9.61 -0.64 8.60
CA ASN A 107 8.67 -1.74 8.27
C ASN A 107 7.82 -2.28 9.47
N SER A 108 6.56 -1.86 9.50
CA SER A 108 5.57 -2.29 10.49
C SER A 108 4.59 -3.32 9.95
N ARG A 109 5.06 -4.09 8.96
CA ARG A 109 4.19 -5.10 8.37
C ARG A 109 3.82 -6.09 9.49
N GLU A 110 2.59 -6.62 9.43
CA GLU A 110 2.11 -7.56 10.45
C GLU A 110 2.80 -8.90 10.34
N ARG A 111 2.78 -9.67 11.43
CA ARG A 111 3.34 -11.03 11.42
C ARG A 111 2.25 -12.01 11.75
N ALA A 112 2.37 -13.24 11.23
CA ALA A 112 1.48 -14.30 11.68
C ALA A 112 1.77 -14.63 13.18
N PRO A 113 0.69 -14.89 13.97
CA PRO A 113 0.80 -15.44 15.33
C PRO A 113 1.59 -16.74 15.34
N GLU A 114 2.16 -17.07 16.49
CA GLU A 114 2.86 -18.35 16.66
C GLU A 114 2.00 -19.58 16.30
N GLY A 115 0.69 -19.46 16.44
CA GLY A 115 -0.24 -20.53 16.10
C GLY A 115 -0.87 -20.51 14.70
N ALA A 116 -0.37 -19.68 13.80
CA ALA A 116 -0.76 -19.82 12.37
C ALA A 116 -0.12 -21.09 11.81
N LYS A 117 -0.82 -21.75 10.90
CA LYS A 117 -0.34 -22.99 10.31
C LYS A 117 -0.34 -22.81 8.76
N PRO A 118 0.58 -23.46 8.03
CA PRO A 118 0.57 -23.34 6.58
C PRO A 118 -0.77 -23.57 5.80
N ASP A 119 -1.70 -24.35 6.38
CA ASP A 119 -2.97 -24.78 5.72
C ASP A 119 -4.18 -24.19 6.41
N MET A 120 -3.97 -23.17 7.22
CA MET A 120 -5.09 -22.58 7.95
C MET A 120 -6.20 -21.94 7.10
N PHE A 121 -5.98 -21.72 5.80
CA PHE A 121 -7.06 -21.24 4.89
C PHE A 121 -7.63 -22.33 3.99
N LEU A 122 -7.21 -23.58 4.22
CA LEU A 122 -7.84 -24.78 3.64
C LEU A 122 -8.92 -25.34 4.60
N ASP A 123 -9.92 -26.03 4.02
CA ASP A 123 -11.03 -26.61 4.82
C ASP A 123 -10.79 -28.11 5.12
N GLU A 124 -11.75 -28.76 5.80
CA GLU A 124 -11.77 -30.24 6.07
C GLU A 124 -11.34 -31.06 4.85
N ASP A 125 -11.91 -30.68 3.72
CA ASP A 125 -11.70 -31.35 2.44
C ASP A 125 -10.40 -30.95 1.73
N GLY A 126 -9.65 -30.00 2.30
CA GLY A 126 -8.41 -29.52 1.68
C GLY A 126 -8.59 -28.43 0.59
N LYS A 127 -9.80 -27.92 0.45
CA LYS A 127 -10.13 -26.90 -0.54
C LYS A 127 -9.93 -25.50 0.08
N VAL A 128 -9.50 -24.55 -0.75
CA VAL A 128 -9.34 -23.15 -0.33
C VAL A 128 -10.66 -22.64 0.27
N ILE A 129 -10.63 -22.02 1.47
CA ILE A 129 -11.83 -21.36 2.01
C ILE A 129 -12.12 -20.11 1.18
N PRO A 130 -13.42 -19.87 0.81
CA PRO A 130 -13.61 -18.69 -0.04
C PRO A 130 -13.13 -17.39 0.60
N PHE A 131 -12.71 -16.47 -0.25
CA PHE A 131 -12.03 -15.25 0.20
C PHE A 131 -12.88 -14.42 1.14
N SER A 132 -14.16 -14.26 0.86
CA SER A 132 -15.01 -13.51 1.76
C SER A 132 -15.24 -14.19 3.13
N GLU A 133 -15.09 -15.51 3.26
CA GLU A 133 -15.08 -16.13 4.60
C GLU A 133 -13.73 -15.92 5.26
N ARG A 134 -12.66 -16.41 4.62
CA ARG A 134 -11.36 -16.41 5.27
C ARG A 134 -10.89 -14.99 5.57
N SER A 135 -11.33 -14.00 4.76
CA SER A 135 -10.92 -12.58 5.01
C SER A 135 -11.59 -11.88 6.21
N ARG A 136 -12.67 -12.49 6.73
CA ARG A 136 -13.39 -12.08 7.97
C ARG A 136 -13.06 -12.88 9.23
N HIS A 137 -12.27 -13.93 9.10
CA HIS A 137 -11.97 -14.84 10.16
C HIS A 137 -10.77 -14.32 10.97
N GLY A 138 -10.70 -14.78 12.21
CA GLY A 138 -9.61 -14.50 13.13
C GLY A 138 -8.24 -15.01 12.72
N ASN A 139 -8.21 -16.05 11.92
CA ASN A 139 -6.96 -16.50 11.33
C ASN A 139 -6.30 -15.49 10.38
N ALA A 140 -7.09 -14.50 9.91
CA ALA A 140 -6.65 -13.45 8.98
C ALA A 140 -5.92 -12.33 9.67
N VAL A 141 -5.95 -12.25 11.01
CA VAL A 141 -5.46 -11.08 11.68
C VAL A 141 -3.98 -11.24 12.02
N GLY A 142 -3.17 -10.38 11.43
CA GLY A 142 -1.76 -10.27 11.78
C GLY A 142 -1.56 -9.40 12.99
N VAL A 143 -0.46 -9.65 13.73
CA VAL A 143 -0.09 -8.83 14.87
C VAL A 143 0.15 -7.45 14.30
N PRO A 144 -0.64 -6.43 14.72
CA PRO A 144 -0.42 -5.11 14.07
C PRO A 144 0.89 -4.46 14.47
N GLY A 145 1.36 -3.61 13.59
CA GLY A 145 2.70 -3.03 13.74
C GLY A 145 2.66 -1.55 13.69
N THR A 146 1.62 -0.97 13.13
CA THR A 146 1.61 0.45 12.84
C THR A 146 2.06 1.29 14.05
N LEU A 147 1.55 0.94 15.22
CA LEU A 147 1.82 1.72 16.40
C LEU A 147 3.29 1.69 16.71
N LYS A 148 3.89 0.52 16.70
CA LYS A 148 5.33 0.44 16.92
C LYS A 148 6.14 1.12 15.81
N GLY A 149 5.56 1.27 14.61
CA GLY A 149 6.26 1.96 13.51
C GLY A 149 6.36 3.43 13.79
N LEU A 150 5.28 3.99 14.24
CA LEU A 150 5.22 5.42 14.51
C LEU A 150 6.16 5.83 15.66
N GLU A 151 6.29 4.95 16.65
CA GLU A 151 7.22 5.18 17.78
C GLU A 151 8.66 5.06 17.39
N ALA A 152 9.00 4.01 16.65
CA ALA A 152 10.36 3.87 16.10
C ALA A 152 10.72 5.11 15.29
N ALA A 153 9.82 5.51 14.39
CA ALA A 153 10.08 6.71 13.58
C ALA A 153 10.20 8.00 14.46
N HIS A 154 9.34 8.10 15.45
CA HIS A 154 9.40 9.19 16.40
C HIS A 154 10.74 9.23 17.20
N LYS A 155 11.15 8.13 17.82
CA LYS A 155 12.46 8.13 18.50
C LYS A 155 13.57 8.69 17.59
N LYS A 156 13.65 8.16 16.37
CA LYS A 156 14.75 8.48 15.47
C LYS A 156 14.76 9.95 14.96
N TRP A 157 13.61 10.46 14.51
CA TRP A 157 13.52 11.77 13.85
C TRP A 157 12.55 12.72 14.52
N GLY A 158 11.79 12.23 15.49
CA GLY A 158 10.70 12.98 16.05
C GLY A 158 11.23 14.23 16.71
N THR A 159 10.41 15.27 16.70
CA THR A 159 10.76 16.61 17.05
C THR A 159 9.71 17.23 17.99
N LYS A 160 8.41 17.04 17.75
CA LYS A 160 7.35 17.42 18.70
C LYS A 160 7.06 16.21 19.59
N LYS A 161 6.56 16.48 20.81
CA LYS A 161 6.06 15.43 21.71
C LYS A 161 4.94 14.59 21.01
N LEU A 162 4.96 13.26 21.15
CA LEU A 162 3.86 12.42 20.59
C LEU A 162 2.49 12.90 21.04
N GLU A 163 2.36 13.37 22.29
CA GLU A 163 1.10 13.97 22.80
C GLU A 163 0.45 15.01 21.83
N ASP A 164 1.27 15.87 21.21
CA ASP A 164 0.77 16.92 20.33
C ASP A 164 0.35 16.31 18.99
N LEU A 165 1.09 15.28 18.59
CA LEU A 165 0.83 14.60 17.34
C LEU A 165 -0.44 13.79 17.41
N ILE A 166 -0.72 13.18 18.58
CA ILE A 166 -1.89 12.32 18.70
C ILE A 166 -3.22 13.06 18.93
N SER A 167 -3.16 14.22 19.61
CA SER A 167 -4.36 14.89 20.14
C SER A 167 -5.38 15.40 19.11
N PRO A 168 -4.94 15.86 17.90
CA PRO A 168 -5.95 16.29 16.91
C PRO A 168 -6.86 15.15 16.46
N SER A 169 -6.31 13.94 16.43
CA SER A 169 -7.05 12.70 16.17
C SER A 169 -7.95 12.25 17.33
N ILE A 170 -7.51 12.50 18.55
CA ILE A 170 -8.36 12.33 19.75
C ILE A 170 -9.64 13.16 19.61
N LYS A 171 -9.51 14.38 19.08
CA LYS A 171 -10.67 15.28 18.94
C LYS A 171 -11.58 14.93 17.79
N LEU A 172 -10.98 14.51 16.69
CA LEU A 172 -11.77 14.01 15.56
C LEU A 172 -12.59 12.79 15.96
N THR A 173 -11.98 11.91 16.75
CA THR A 173 -12.64 10.72 17.25
C THR A 173 -13.78 11.10 18.19
N GLU A 174 -13.45 11.94 19.16
CA GLU A 174 -14.35 12.24 20.27
C GLU A 174 -15.55 13.08 19.87
N GLU A 175 -15.30 14.13 19.09
CA GLU A 175 -16.35 15.03 18.66
C GLU A 175 -17.00 14.58 17.35
N GLY A 176 -16.22 13.90 16.50
CA GLY A 176 -16.72 13.33 15.25
C GLY A 176 -16.53 14.27 14.12
N PHE A 177 -16.87 13.85 12.91
CA PHE A 177 -16.72 14.70 11.72
C PHE A 177 -17.70 14.21 10.66
N PRO A 178 -17.99 15.05 9.65
CA PRO A 178 -18.93 14.61 8.59
C PRO A 178 -18.20 13.71 7.60
N ILE A 179 -18.79 12.57 7.24
CA ILE A 179 -18.01 11.59 6.44
C ILE A 179 -18.00 11.96 4.97
N ASP A 180 -16.86 11.71 4.32
CA ASP A 180 -16.74 11.97 2.87
C ASP A 180 -17.42 10.82 2.14
N SER A 181 -17.65 10.99 0.84
CA SER A 181 -18.33 9.99 -0.05
C SER A 181 -17.67 8.61 -0.10
N VAL A 182 -16.35 8.61 -0.09
CA VAL A 182 -15.61 7.35 -0.21
C VAL A 182 -15.84 6.42 1.02
N LEU A 183 -15.71 6.99 2.22
CA LEU A 183 -16.06 6.32 3.48
C LEU A 183 -17.53 5.89 3.49
N ALA A 184 -18.45 6.81 3.17
CA ALA A 184 -19.88 6.43 2.96
C ALA A 184 -20.07 5.20 2.04
N ASP A 185 -19.47 5.25 0.85
CA ASP A 185 -19.60 4.14 -0.10
C ASP A 185 -18.97 2.90 0.53
N ALA A 186 -17.86 3.07 1.24
CA ALA A 186 -17.19 1.96 1.90
C ALA A 186 -18.09 1.28 2.93
N ILE A 187 -18.73 2.07 3.77
CA ILE A 187 -19.69 1.53 4.74
C ILE A 187 -20.81 0.78 4.01
N LYS A 188 -21.40 1.38 2.98
CA LYS A 188 -22.49 0.71 2.28
C LYS A 188 -22.09 -0.61 1.61
N ASP A 189 -20.94 -0.61 0.94
CA ASP A 189 -20.46 -1.79 0.21
C ASP A 189 -20.07 -2.94 1.10
N HIS A 190 -19.67 -2.67 2.33
CA HIS A 190 -19.25 -3.71 3.30
C HIS A 190 -20.21 -3.85 4.52
N GLN A 191 -21.48 -3.52 4.32
CA GLN A 191 -22.44 -3.47 5.44
C GLN A 191 -22.67 -4.86 6.03
N ASP A 192 -22.69 -5.88 5.19
CA ASP A 192 -22.75 -7.27 5.67
C ASP A 192 -21.61 -7.70 6.61
N LYS A 193 -20.36 -7.47 6.23
CA LYS A 193 -19.19 -7.75 7.10
C LYS A 193 -19.25 -6.98 8.46
N LEU A 194 -19.67 -5.72 8.36
CA LEU A 194 -19.74 -4.80 9.48
C LEU A 194 -20.91 -5.03 10.48
N SER A 195 -21.94 -5.72 9.99
CA SER A 195 -23.12 -6.03 10.78
C SER A 195 -22.86 -7.20 11.74
N LYS A 196 -21.92 -8.07 11.39
CA LYS A 196 -21.61 -9.24 12.19
C LYS A 196 -20.58 -8.94 13.28
N THR A 197 -20.12 -7.69 13.41
CA THR A 197 -19.11 -7.34 14.41
C THR A 197 -19.56 -6.17 15.24
N ALA A 198 -18.74 -5.83 16.25
CA ALA A 198 -18.98 -4.67 17.14
C ALA A 198 -18.99 -3.31 16.43
N ALA A 199 -18.61 -3.28 15.15
CA ALA A 199 -18.78 -2.11 14.33
C ALA A 199 -20.24 -1.78 14.05
N LYS A 200 -21.14 -2.77 14.17
CA LYS A 200 -22.59 -2.58 13.89
C LYS A 200 -23.13 -1.25 14.40
N ASP A 201 -22.82 -0.93 15.67
CA ASP A 201 -23.42 0.26 16.36
C ASP A 201 -22.94 1.62 15.83
N ILE A 202 -21.63 1.73 15.61
CA ILE A 202 -20.97 2.99 15.20
C ILE A 202 -21.26 3.30 13.73
N PHE A 203 -21.13 2.29 12.86
CA PHE A 203 -21.19 2.46 11.40
C PHE A 203 -22.55 2.13 10.76
N LEU A 204 -23.25 1.16 11.36
CA LEU A 204 -24.60 0.80 10.97
C LEU A 204 -25.63 1.10 12.10
N PRO A 205 -25.74 2.40 12.51
CA PRO A 205 -26.63 2.78 13.62
C PRO A 205 -28.12 2.64 13.27
N ASP A 206 -28.88 2.02 14.17
CA ASP A 206 -30.28 1.64 13.91
C ASP A 206 -30.36 0.89 12.58
N GLY A 207 -29.38 -0.01 12.38
CA GLY A 207 -29.32 -0.89 11.22
C GLY A 207 -28.97 -0.33 9.84
N GLU A 208 -28.90 1.00 9.67
CA GLU A 208 -28.64 1.63 8.35
C GLU A 208 -27.22 2.25 8.26
N PRO A 209 -26.57 2.20 7.05
CA PRO A 209 -25.27 2.84 6.86
C PRO A 209 -25.29 4.34 6.89
N LEU A 210 -24.47 4.92 7.76
CA LEU A 210 -24.15 6.37 7.74
C LEU A 210 -23.99 6.85 6.30
N LYS A 211 -24.53 8.02 6.02
CA LYS A 211 -24.54 8.57 4.69
C LYS A 211 -23.49 9.63 4.63
N GLU A 212 -23.24 10.14 3.41
CA GLU A 212 -22.28 11.21 3.17
C GLU A 212 -22.71 12.49 3.91
N GLY A 213 -21.79 13.11 4.64
CA GLY A 213 -22.14 14.26 5.47
C GLY A 213 -22.59 13.95 6.89
N ASP A 214 -22.97 12.72 7.21
CA ASP A 214 -23.40 12.37 8.56
C ASP A 214 -22.23 12.31 9.51
N ILE A 215 -22.49 12.65 10.77
CA ILE A 215 -21.41 12.74 11.75
C ILE A 215 -21.06 11.32 12.17
N LEU A 216 -19.76 11.06 12.19
CA LEU A 216 -19.23 9.82 12.67
C LEU A 216 -18.53 10.17 13.95
N VAL A 217 -18.90 9.53 15.06
CA VAL A 217 -18.28 9.76 16.35
C VAL A 217 -17.68 8.45 16.80
N GLN A 218 -16.48 8.49 17.34
CA GLN A 218 -15.79 7.26 17.67
C GLN A 218 -15.25 7.31 19.09
N LYS A 219 -16.19 7.15 20.04
CA LYS A 219 -15.90 7.28 21.47
C LYS A 219 -14.82 6.33 21.91
N ASP A 220 -15.00 5.05 21.60
CA ASP A 220 -14.04 4.01 21.99
C ASP A 220 -12.62 4.14 21.34
N LEU A 221 -12.59 4.60 20.09
CA LEU A 221 -11.32 4.89 19.41
C LEU A 221 -10.58 6.01 20.16
N ALA A 222 -11.30 7.09 20.49
CA ALA A 222 -10.72 8.20 21.28
C ALA A 222 -10.08 7.75 22.57
N LYS A 223 -10.75 6.82 23.27
CA LYS A 223 -10.21 6.29 24.53
C LYS A 223 -8.88 5.59 24.34
N THR A 224 -8.81 4.76 23.27
CA THR A 224 -7.57 4.05 22.96
C THR A 224 -6.45 5.07 22.70
N PHE A 225 -6.75 6.13 21.94
CA PHE A 225 -5.69 7.13 21.63
C PHE A 225 -5.23 7.88 22.90
N LYS A 226 -6.15 8.15 23.82
CA LYS A 226 -5.79 8.68 25.16
C LYS A 226 -4.90 7.72 25.96
N LEU A 227 -5.28 6.43 25.97
CA LEU A 227 -4.48 5.38 26.60
C LEU A 227 -3.03 5.41 26.02
N ILE A 228 -2.93 5.52 24.68
CA ILE A 228 -1.61 5.55 24.02
C ILE A 228 -0.92 6.88 24.33
N ARG A 229 -1.68 7.96 24.31
CA ARG A 229 -1.12 9.26 24.70
C ARG A 229 -0.49 9.24 26.14
N LYS A 230 -1.17 8.66 27.14
CA LYS A 230 -0.60 8.52 28.51
C LYS A 230 0.48 7.44 28.66
N GLU A 231 0.23 6.23 28.15
CA GLU A 231 1.13 5.06 28.38
C GLU A 231 2.11 4.65 27.24
N GLY A 232 1.88 5.15 26.03
CA GLY A 232 2.64 4.71 24.86
C GLY A 232 2.21 3.32 24.43
N SER A 233 3.06 2.68 23.65
CA SER A 233 2.68 1.42 23.04
C SER A 233 2.71 0.26 24.00
N LYS A 234 2.98 0.48 25.30
CA LYS A 234 2.95 -0.62 26.29
C LYS A 234 1.50 -1.12 26.40
N ALA A 235 0.59 -0.16 26.51
CA ALA A 235 -0.86 -0.43 26.51
C ALA A 235 -1.37 -1.29 25.35
N PHE A 236 -0.66 -1.26 24.21
CA PHE A 236 -1.02 -2.03 23.01
C PHE A 236 -0.37 -3.38 23.04
N TYR A 237 0.95 -3.44 23.16
CA TYR A 237 1.72 -4.68 22.95
C TYR A 237 1.97 -5.50 24.23
N ASP A 238 1.59 -4.96 25.40
CA ASP A 238 1.94 -5.55 26.73
C ASP A 238 0.98 -5.03 27.78
N GLY A 239 -0.28 -4.96 27.39
CA GLY A 239 -1.27 -4.15 28.09
C GLY A 239 -2.68 -4.53 27.68
N GLU A 240 -3.62 -3.71 28.10
CA GLU A 240 -5.05 -4.01 28.00
C GLU A 240 -5.60 -3.97 26.57
N ILE A 241 -5.14 -2.99 25.76
CA ILE A 241 -5.59 -2.86 24.35
C ILE A 241 -5.27 -4.17 23.65
N GLY A 242 -4.03 -4.64 23.81
CA GLY A 242 -3.60 -5.92 23.28
C GLY A 242 -4.32 -7.16 23.81
N ARG A 243 -4.57 -7.17 25.12
CA ARG A 243 -5.27 -8.28 25.73
C ARG A 243 -6.64 -8.34 25.04
N ALA A 244 -7.27 -7.20 24.80
CA ALA A 244 -8.57 -7.14 24.13
C ALA A 244 -8.50 -7.61 22.66
N ILE A 245 -7.44 -7.23 21.96
CA ILE A 245 -7.21 -7.68 20.58
C ILE A 245 -7.14 -9.22 20.52
N ALA A 246 -6.28 -9.82 21.35
CA ALA A 246 -6.15 -11.31 21.42
C ALA A 246 -7.47 -11.99 21.74
N ASP A 247 -8.26 -11.33 22.58
CA ASP A 247 -9.59 -11.84 22.94
C ASP A 247 -10.57 -11.89 21.78
N VAL A 248 -10.66 -10.77 21.04
CA VAL A 248 -11.58 -10.72 19.90
C VAL A 248 -11.08 -11.63 18.75
N VAL A 249 -9.76 -11.81 18.63
CA VAL A 249 -9.22 -12.69 17.58
C VAL A 249 -9.58 -14.16 17.83
N GLN A 250 -9.54 -14.59 19.09
CA GLN A 250 -10.01 -15.94 19.43
C GLN A 250 -11.52 -16.10 19.30
N ASP A 251 -12.29 -15.06 19.57
CA ASP A 251 -13.74 -15.13 19.35
C ASP A 251 -14.09 -15.42 17.88
N PHE A 252 -13.23 -14.94 16.98
CA PHE A 252 -13.45 -15.05 15.55
C PHE A 252 -12.66 -16.18 14.95
N GLY A 253 -11.85 -16.86 15.75
CA GLY A 253 -11.41 -18.20 15.42
C GLY A 253 -9.93 -18.39 15.28
N GLY A 254 -9.18 -17.33 15.49
CA GLY A 254 -7.76 -17.36 15.30
C GLY A 254 -7.05 -17.63 16.60
N SER A 255 -5.74 -17.75 16.50
CA SER A 255 -4.92 -18.26 17.55
C SER A 255 -3.98 -17.21 18.14
N MET A 256 -4.25 -15.92 17.93
CA MET A 256 -3.34 -14.89 18.44
C MET A 256 -3.47 -14.77 19.97
N THR A 257 -2.33 -14.84 20.66
CA THR A 257 -2.23 -14.69 22.12
C THR A 257 -1.66 -13.32 22.49
N PRO A 258 -1.77 -12.93 23.79
CA PRO A 258 -1.05 -11.71 24.27
C PRO A 258 0.48 -11.77 24.06
N ASP A 259 1.03 -12.98 24.07
CA ASP A 259 2.46 -13.22 23.86
C ASP A 259 2.90 -12.96 22.39
N ASP A 260 1.98 -13.17 21.44
CA ASP A 260 2.19 -12.66 20.06
C ASP A 260 2.38 -11.13 20.07
N LEU A 261 1.50 -10.44 20.78
CA LEU A 261 1.64 -9.01 20.89
C LEU A 261 2.93 -8.53 21.54
N SER A 262 3.43 -9.19 22.60
CA SER A 262 4.70 -8.73 23.26
C SER A 262 5.95 -9.19 22.51
N ARG A 263 5.81 -10.17 21.62
CA ARG A 263 6.90 -10.62 20.74
C ARG A 263 7.24 -9.54 19.66
N TYR A 264 6.24 -8.75 19.25
CA TYR A 264 6.35 -7.94 18.01
C TYR A 264 7.26 -6.72 18.10
N GLU A 265 8.21 -6.60 17.17
CA GLU A 265 8.94 -5.35 16.94
C GLU A 265 9.07 -5.10 15.43
N VAL A 266 9.01 -3.83 15.04
CA VAL A 266 9.22 -3.48 13.64
C VAL A 266 10.65 -3.77 13.22
N THR A 267 10.87 -3.68 11.92
CA THR A 267 12.19 -3.81 11.35
C THR A 267 12.50 -2.55 10.58
N THR A 268 13.75 -2.42 10.19
CA THR A 268 14.22 -1.29 9.38
C THR A 268 14.94 -1.81 8.18
N ASP A 269 14.57 -1.33 6.99
CA ASP A 269 15.08 -1.88 5.74
C ASP A 269 15.79 -0.79 4.97
N LYS A 270 16.77 -1.19 4.17
CA LYS A 270 17.32 -0.34 3.18
C LYS A 270 16.42 -0.50 1.97
N PRO A 271 16.29 0.54 1.15
CA PRO A 271 15.54 0.40 -0.08
C PRO A 271 16.15 -0.59 -1.04
N ILE A 272 15.31 -1.11 -1.94
CA ILE A 272 15.78 -1.66 -3.21
C ILE A 272 15.94 -0.48 -4.17
N TRP A 273 17.07 -0.39 -4.87
CA TRP A 273 17.39 0.75 -5.69
C TRP A 273 17.37 0.32 -7.13
N GLY A 274 17.00 1.23 -8.02
CA GLY A 274 17.04 0.97 -9.46
C GLY A 274 17.30 2.25 -10.23
N GLU A 275 17.63 2.13 -11.51
CA GLU A 275 17.93 3.28 -12.33
C GLU A 275 16.92 3.28 -13.44
N TYR A 276 16.28 4.43 -13.69
CA TYR A 276 15.38 4.52 -14.80
C TYR A 276 15.45 5.90 -15.42
N HIS A 277 15.72 5.94 -16.72
CA HIS A 277 15.66 7.14 -17.48
C HIS A 277 16.54 8.27 -16.93
N GLY A 278 17.65 7.86 -16.31
CA GLY A 278 18.65 8.72 -15.68
C GLY A 278 18.37 9.11 -14.24
N TYR A 279 17.48 8.37 -13.55
CA TYR A 279 17.08 8.74 -12.21
C TYR A 279 17.36 7.56 -11.35
N ASP A 280 17.72 7.78 -10.09
CA ASP A 280 17.81 6.66 -9.15
C ASP A 280 16.48 6.49 -8.46
N ILE A 281 16.05 5.25 -8.31
CA ILE A 281 14.73 4.99 -7.68
C ILE A 281 14.94 4.10 -6.48
N ALA A 282 14.45 4.57 -5.34
CA ALA A 282 14.41 3.79 -4.11
C ALA A 282 12.96 3.32 -3.87
N SER A 283 12.77 2.03 -3.64
CA SER A 283 11.46 1.52 -3.39
C SER A 283 11.57 0.42 -2.36
N MET A 284 10.46 -0.28 -2.17
CA MET A 284 10.31 -1.17 -1.05
C MET A 284 10.76 -2.60 -1.43
N PRO A 285 11.77 -3.18 -0.73
CA PRO A 285 12.18 -4.59 -0.90
C PRO A 285 11.19 -5.62 -0.27
N PRO A 286 11.36 -6.92 -0.54
CA PRO A 286 10.71 -7.99 0.28
C PRO A 286 10.76 -7.68 1.79
N PRO A 287 9.68 -7.84 2.56
CA PRO A 287 8.47 -8.57 2.22
C PRO A 287 7.41 -7.85 1.34
N SER A 288 7.78 -6.74 0.69
CA SER A 288 6.98 -6.32 -0.44
C SER A 288 7.51 -6.91 -1.71
N SER A 289 6.57 -7.28 -2.58
CA SER A 289 6.81 -7.50 -3.99
C SER A 289 6.92 -6.23 -4.76
N GLY A 290 6.55 -5.09 -4.16
CA GLY A 290 6.32 -3.83 -4.88
C GLY A 290 7.50 -3.23 -5.62
N GLY A 291 8.61 -3.06 -4.90
CA GLY A 291 9.77 -2.35 -5.45
C GLY A 291 10.41 -3.15 -6.54
N VAL A 292 10.66 -4.42 -6.26
CA VAL A 292 11.32 -5.25 -7.26
C VAL A 292 10.53 -5.37 -8.58
N PHE A 293 9.23 -5.57 -8.49
CA PHE A 293 8.44 -5.75 -9.73
C PHE A 293 8.06 -4.47 -10.43
N MET A 294 7.98 -3.36 -9.69
CA MET A 294 7.83 -2.06 -10.30
C MET A 294 9.10 -1.79 -11.08
N LEU A 295 10.26 -2.06 -10.48
CA LEU A 295 11.52 -1.81 -11.16
C LEU A 295 11.64 -2.77 -12.34
N GLN A 296 11.25 -4.04 -12.16
CA GLN A 296 11.36 -4.99 -13.26
C GLN A 296 10.50 -4.60 -14.48
N VAL A 297 9.24 -4.18 -14.24
CA VAL A 297 8.39 -3.67 -15.28
C VAL A 297 9.07 -2.51 -15.99
N LEU A 298 9.58 -1.54 -15.24
CA LEU A 298 10.28 -0.41 -15.87
C LEU A 298 11.46 -0.85 -16.74
N LYS A 299 12.31 -1.70 -16.19
CA LYS A 299 13.43 -2.30 -16.92
C LYS A 299 13.00 -3.00 -18.23
N LEU A 300 11.93 -3.75 -18.17
CA LEU A 300 11.48 -4.51 -19.35
C LEU A 300 10.95 -3.57 -20.41
N ILE A 301 10.16 -2.58 -20.01
CA ILE A 301 9.58 -1.65 -21.02
C ILE A 301 10.51 -0.55 -21.52
N ASP A 302 11.64 -0.35 -20.84
CA ASP A 302 12.50 0.81 -21.12
C ASP A 302 12.94 0.81 -22.60
N ASP A 303 13.39 -0.35 -23.04
CA ASP A 303 13.96 -0.54 -24.37
C ASP A 303 12.94 -0.43 -25.49
N PHE A 304 11.67 -0.44 -25.16
CA PHE A 304 10.65 -0.24 -26.15
C PHE A 304 10.34 1.21 -26.41
N HIS A 305 10.93 2.14 -25.66
CA HIS A 305 10.73 3.58 -25.94
C HIS A 305 9.26 3.93 -26.16
N LEU A 306 8.49 3.66 -25.11
CA LEU A 306 7.05 3.67 -25.15
C LEU A 306 6.39 4.94 -25.65
N SER A 307 6.98 6.09 -25.34
CA SER A 307 6.45 7.38 -25.78
C SER A 307 6.54 7.65 -27.29
N GLN A 308 7.20 6.80 -28.08
CA GLN A 308 6.90 6.84 -29.54
C GLN A 308 5.42 6.56 -29.88
N TYR A 309 4.69 5.92 -28.96
CA TYR A 309 3.25 5.66 -29.12
C TYR A 309 2.42 6.59 -28.26
N ASP A 310 1.29 6.99 -28.80
CA ASP A 310 0.38 7.86 -28.10
C ASP A 310 -0.05 7.20 -26.74
N PRO A 311 -0.24 8.00 -25.68
CA PRO A 311 -0.56 7.39 -24.41
C PRO A 311 -1.82 6.50 -24.42
N LYS A 312 -2.78 6.78 -25.31
CA LYS A 312 -4.00 6.02 -25.42
C LYS A 312 -4.00 5.10 -26.67
N SER A 313 -2.81 4.68 -27.12
CA SER A 313 -2.64 3.88 -28.29
C SER A 313 -2.75 2.39 -27.98
N PHE A 314 -3.13 1.63 -28.99
CA PHE A 314 -3.14 0.18 -28.94
C PHE A 314 -1.76 -0.39 -28.51
N GLU A 315 -0.71 0.20 -29.06
CA GLU A 315 0.63 -0.33 -28.92
C GLU A 315 1.11 -0.23 -27.47
N LYS A 316 0.83 0.90 -26.84
CA LYS A 316 1.22 1.16 -25.47
C LYS A 316 0.49 0.20 -24.51
N TYR A 317 -0.84 0.15 -24.62
CA TYR A 317 -1.64 -0.74 -23.76
C TYR A 317 -1.24 -2.20 -23.96
N HIS A 318 -1.05 -2.59 -25.22
CA HIS A 318 -0.60 -3.94 -25.49
C HIS A 318 0.74 -4.26 -24.84
N LEU A 319 1.72 -3.42 -25.10
CA LEU A 319 3.04 -3.65 -24.53
C LEU A 319 3.08 -3.67 -23.00
N LEU A 320 2.40 -2.74 -22.36
CA LEU A 320 2.26 -2.80 -20.92
C LEU A 320 1.57 -4.11 -20.44
N ALA A 321 0.51 -4.49 -21.13
CA ALA A 321 -0.20 -5.77 -20.77
C ALA A 321 0.70 -6.98 -20.88
N GLU A 322 1.44 -7.08 -21.98
CA GLU A 322 2.39 -8.18 -22.14
C GLU A 322 3.45 -8.13 -21.06
N THR A 323 3.96 -6.95 -20.76
CA THR A 323 5.05 -6.85 -19.74
C THR A 323 4.55 -7.31 -18.35
N MET A 324 3.37 -6.81 -17.96
CA MET A 324 2.75 -7.12 -16.69
C MET A 324 2.55 -8.60 -16.51
N HIS A 325 2.08 -9.28 -17.53
CA HIS A 325 1.89 -10.71 -17.43
C HIS A 325 3.17 -11.41 -16.97
N LEU A 326 4.32 -10.94 -17.49
CA LEU A 326 5.60 -11.60 -17.21
C LEU A 326 6.05 -11.36 -15.77
N SER A 327 6.03 -10.09 -15.34
CA SER A 327 6.40 -9.69 -14.00
C SER A 327 5.43 -10.26 -12.93
N TYR A 328 4.11 -10.24 -13.19
CA TYR A 328 3.21 -10.77 -12.17
C TYR A 328 3.37 -12.27 -12.03
N ALA A 329 3.71 -12.97 -13.14
CA ALA A 329 4.03 -14.43 -13.04
C ALA A 329 5.28 -14.64 -12.18
N ASP A 330 6.27 -13.79 -12.37
CA ASP A 330 7.47 -13.85 -11.57
C ASP A 330 7.15 -13.61 -10.10
N ARG A 331 6.33 -12.60 -9.82
CA ARG A 331 5.79 -12.34 -8.49
C ARG A 331 5.11 -13.55 -7.79
N ALA A 332 4.24 -14.26 -8.49
CA ALA A 332 3.51 -15.40 -7.93
C ALA A 332 4.43 -16.58 -7.54
N ALA A 333 5.56 -16.71 -8.25
CA ALA A 333 6.50 -17.79 -8.08
C ALA A 333 7.60 -17.49 -7.07
N TYR A 334 8.04 -16.24 -6.96
CA TYR A 334 9.32 -15.98 -6.29
C TYR A 334 9.33 -15.03 -5.12
N ALA A 335 8.18 -14.49 -4.73
CA ALA A 335 8.16 -13.40 -3.74
C ALA A 335 7.56 -13.88 -2.42
N GLY A 336 8.26 -13.56 -1.32
CA GLY A 336 7.83 -13.85 0.08
C GLY A 336 8.74 -13.16 1.11
N ASP A 337 8.44 -13.38 2.39
CA ASP A 337 9.24 -12.79 3.50
C ASP A 337 10.69 -13.28 3.44
N PRO A 338 11.66 -12.39 3.15
CA PRO A 338 13.03 -12.89 2.94
C PRO A 338 13.78 -13.48 4.19
N GLU A 339 13.21 -13.33 5.39
CA GLU A 339 13.63 -14.07 6.60
C GLU A 339 13.32 -15.56 6.56
N PHE A 340 12.41 -15.97 5.69
CA PHE A 340 12.01 -17.36 5.55
C PHE A 340 12.37 -17.97 4.19
N VAL A 341 12.40 -17.14 3.12
CA VAL A 341 12.57 -17.65 1.78
C VAL A 341 13.52 -16.78 1.02
N ASP A 342 14.17 -17.32 -0.01
CA ASP A 342 15.12 -16.50 -0.75
C ASP A 342 14.46 -15.97 -2.02
N VAL A 343 14.43 -14.63 -2.12
CA VAL A 343 13.89 -13.91 -3.26
C VAL A 343 15.08 -13.56 -4.16
N PRO A 344 15.08 -14.05 -5.41
CA PRO A 344 16.18 -13.79 -6.32
C PRO A 344 16.17 -12.37 -6.91
N LEU A 345 16.39 -11.39 -6.04
CA LEU A 345 16.39 -9.99 -6.43
C LEU A 345 17.38 -9.66 -7.52
N ARG A 346 18.59 -10.22 -7.42
CA ARG A 346 19.66 -9.98 -8.41
C ARG A 346 19.31 -10.53 -9.79
N GLY A 347 18.90 -11.79 -9.85
CA GLY A 347 18.37 -12.40 -11.05
C GLY A 347 17.14 -11.71 -11.67
N LEU A 348 16.13 -11.41 -10.87
CA LEU A 348 14.89 -10.70 -11.34
C LEU A 348 15.15 -9.37 -12.05
N LEU A 349 16.21 -8.65 -11.67
CA LEU A 349 16.60 -7.42 -12.35
C LEU A 349 17.88 -7.53 -13.20
N ASP A 350 18.42 -8.73 -13.42
CA ASP A 350 19.67 -8.87 -14.19
C ASP A 350 19.47 -8.45 -15.65
N PRO A 351 20.36 -7.62 -16.22
CA PRO A 351 20.12 -7.16 -17.60
C PRO A 351 20.00 -8.32 -18.61
N ASP A 352 20.70 -9.43 -18.37
CA ASP A 352 20.54 -10.57 -19.29
C ASP A 352 19.20 -11.26 -19.10
N TYR A 353 18.73 -11.31 -17.87
CA TYR A 353 17.40 -11.85 -17.60
C TYR A 353 16.27 -11.02 -18.22
N ILE A 354 16.39 -9.70 -18.13
CA ILE A 354 15.48 -8.77 -18.72
C ILE A 354 15.40 -9.04 -20.22
N LYS A 355 16.58 -9.17 -20.85
CA LYS A 355 16.73 -9.51 -22.30
C LYS A 355 15.98 -10.76 -22.71
N GLU A 356 16.18 -11.84 -21.95
CA GLU A 356 15.48 -13.11 -22.14
C GLU A 356 13.98 -12.90 -22.11
N ARG A 357 13.48 -12.24 -21.08
CA ARG A 357 12.01 -12.02 -20.93
C ARG A 357 11.45 -11.10 -21.98
N GLN A 358 12.23 -10.11 -22.36
CA GLN A 358 11.83 -9.20 -23.45
C GLN A 358 11.59 -9.89 -24.81
N LYS A 359 12.20 -11.05 -25.05
CA LYS A 359 11.85 -11.88 -26.25
C LYS A 359 10.37 -12.26 -26.33
N LEU A 360 9.70 -12.32 -25.19
CA LEU A 360 8.27 -12.68 -25.11
C LEU A 360 7.37 -11.47 -25.24
N ILE A 361 7.95 -10.28 -25.44
CA ILE A 361 7.19 -9.04 -25.48
C ILE A 361 7.36 -8.45 -26.88
N SER A 362 6.24 -8.31 -27.58
CA SER A 362 6.24 -7.90 -28.99
CA SER A 362 6.24 -7.86 -28.97
C SER A 362 4.86 -7.44 -29.45
N LEU A 363 4.83 -6.57 -30.44
CA LEU A 363 3.60 -6.14 -31.08
C LEU A 363 3.06 -7.15 -32.11
N ASP A 364 3.82 -8.22 -32.39
CA ASP A 364 3.47 -9.24 -33.39
C ASP A 364 2.25 -10.04 -33.04
N SER A 365 2.15 -10.38 -31.76
CA SER A 365 1.02 -11.15 -31.25
C SER A 365 0.88 -10.94 -29.73
N MET A 366 -0.13 -11.59 -29.17
CA MET A 366 -0.24 -11.70 -27.75
C MET A 366 0.45 -12.96 -27.33
N ASN A 367 1.29 -12.85 -26.30
CA ASN A 367 1.99 -13.98 -25.76
C ASN A 367 1.04 -14.81 -24.85
N ARG A 368 0.93 -16.10 -25.17
CA ARG A 368 0.24 -17.10 -24.34
C ARG A 368 1.16 -17.92 -23.41
N ASP A 369 2.47 -17.71 -23.47
CA ASP A 369 3.41 -18.39 -22.56
C ASP A 369 3.78 -17.42 -21.44
N VAL A 370 2.91 -17.36 -20.43
CA VAL A 370 2.98 -16.35 -19.39
C VAL A 370 3.46 -16.92 -18.04
N LYS A 371 4.26 -17.96 -18.14
CA LYS A 371 4.95 -18.57 -17.00
C LYS A 371 6.05 -17.66 -16.40
N GLU A 372 6.29 -17.83 -15.11
CA GLU A 372 7.44 -17.20 -14.49
C GLU A 372 8.65 -17.61 -15.28
N GLY A 373 9.63 -16.71 -15.35
CA GLY A 373 10.90 -17.04 -15.94
C GLY A 373 11.81 -17.77 -14.99
N ASP A 374 13.09 -17.80 -15.32
CA ASP A 374 14.13 -18.46 -14.45
C ASP A 374 15.25 -17.52 -13.97
N PRO A 375 14.94 -16.61 -13.04
CA PRO A 375 15.95 -15.67 -12.57
C PRO A 375 17.08 -16.28 -11.75
N TRP A 376 16.85 -17.48 -11.22
CA TRP A 376 17.86 -18.24 -10.50
C TRP A 376 19.08 -18.61 -11.35
N LYS A 377 18.86 -18.78 -12.65
CA LYS A 377 19.96 -18.88 -13.62
C LYS A 377 21.03 -17.80 -13.50
N TYR A 378 20.64 -16.56 -13.13
CA TYR A 378 21.54 -15.38 -13.08
C TYR A 378 21.92 -14.98 -11.66
N GLU A 379 21.68 -15.86 -10.69
CA GLU A 379 22.02 -15.57 -9.31
C GLU A 379 22.41 -16.85 -8.61
N GLU A 380 23.29 -16.70 -7.63
CA GLU A 380 23.82 -17.79 -6.85
C GLU A 380 22.70 -18.38 -5.98
N GLY A 381 22.38 -19.65 -6.23
CA GLY A 381 21.58 -20.43 -5.32
C GLY A 381 20.39 -21.05 -6.00
N GLU A 382 19.63 -21.77 -5.20
CA GLU A 382 18.41 -22.41 -5.66
C GLU A 382 17.29 -21.88 -4.75
N PRO A 383 16.03 -21.90 -5.24
CA PRO A 383 14.93 -21.60 -4.35
C PRO A 383 14.70 -22.70 -3.32
N ASN A 384 14.26 -22.30 -2.12
CA ASN A 384 13.83 -23.19 -1.02
C ASN A 384 12.31 -23.20 -0.92
N TYR A 385 11.62 -23.52 -2.02
CA TYR A 385 10.12 -23.56 -2.04
C TYR A 385 9.62 -24.16 -3.35
N GLU A 386 8.40 -24.66 -3.37
CA GLU A 386 7.81 -25.12 -4.62
C GLU A 386 7.16 -23.89 -5.33
N ILE A 387 6.71 -24.07 -6.56
CA ILE A 387 5.93 -23.07 -7.27
C ILE A 387 4.50 -23.58 -7.27
N VAL A 388 3.66 -23.05 -6.37
CA VAL A 388 2.30 -23.58 -6.21
C VAL A 388 1.26 -22.67 -6.85
N PRO A 389 0.54 -23.13 -7.89
CA PRO A 389 -0.53 -22.30 -8.46
C PRO A 389 -1.62 -22.01 -7.43
N GLN A 390 -2.17 -20.80 -7.46
CA GLN A 390 -3.19 -20.32 -6.51
C GLN A 390 -4.46 -19.90 -7.30
N PRO A 391 -5.67 -20.07 -6.74
CA PRO A 391 -6.86 -19.61 -7.47
C PRO A 391 -6.95 -18.10 -7.42
N GLU A 392 -7.53 -17.50 -8.44
CA GLU A 392 -7.73 -16.05 -8.45
C GLU A 392 -9.09 -15.79 -7.84
N ASP A 393 -9.16 -15.85 -6.52
CA ASP A 393 -10.44 -15.66 -5.82
C ASP A 393 -10.54 -14.40 -4.98
N LYS A 394 -9.41 -13.65 -4.85
CA LYS A 394 -9.30 -12.51 -3.93
C LYS A 394 -10.04 -11.32 -4.53
N THR B 1 -5.55 -0.19 2.08
CA THR B 1 -4.37 0.72 1.95
C THR B 1 -4.71 2.19 1.72
N THR B 2 -3.79 3.05 2.18
CA THR B 2 -3.78 4.46 1.83
C THR B 2 -2.30 4.84 1.65
N HIS B 3 -2.04 5.85 0.84
CA HIS B 3 -0.68 6.31 0.69
C HIS B 3 -0.60 7.79 0.87
N PHE B 4 0.38 8.24 1.68
CA PHE B 4 0.56 9.69 1.85
C PHE B 4 2.02 10.07 1.83
N THR B 5 2.29 11.35 1.73
CA THR B 5 3.65 11.81 1.61
C THR B 5 3.80 13.23 2.16
N VAL B 6 5.00 13.56 2.62
CA VAL B 6 5.27 14.80 3.35
C VAL B 6 6.72 15.23 3.07
N THR B 7 6.89 16.49 2.69
CA THR B 7 8.25 17.06 2.59
C THR B 7 8.36 18.22 3.55
N ASP B 8 9.54 18.41 4.15
CA ASP B 8 9.77 19.53 5.09
C ASP B 8 10.92 20.46 4.64
N GLN B 9 11.11 21.53 5.41
CA GLN B 9 12.12 22.54 5.12
C GLN B 9 13.57 22.09 5.33
N TRP B 10 13.75 21.04 6.11
CA TRP B 10 15.08 20.51 6.34
C TRP B 10 15.47 19.52 5.25
N GLY B 11 14.63 19.33 4.23
CA GLY B 11 14.91 18.31 3.20
C GLY B 11 14.65 16.85 3.59
N ASN B 12 13.88 16.62 4.65
CA ASN B 12 13.46 15.26 4.93
C ASN B 12 12.31 14.96 3.98
N VAL B 13 12.21 13.70 3.57
CA VAL B 13 11.10 13.32 2.67
C VAL B 13 10.45 12.04 3.15
N VAL B 14 9.12 12.04 3.25
CA VAL B 14 8.41 10.84 3.71
C VAL B 14 7.47 10.32 2.62
N SER B 15 7.43 9.00 2.45
CA SER B 15 6.55 8.30 1.46
C SER B 15 6.10 7.03 2.19
N TYR B 16 4.83 6.97 2.56
CA TYR B 16 4.29 6.07 3.57
C TYR B 16 2.99 5.43 3.07
N THR B 17 3.07 4.15 2.73
CA THR B 17 1.92 3.32 2.41
C THR B 17 1.65 2.45 3.63
N THR B 18 0.36 2.31 3.93
CA THR B 18 -0.09 1.71 5.16
C THR B 18 -1.50 1.26 4.97
N THR B 19 -1.83 0.15 5.59
CA THR B 19 -3.07 -0.56 5.30
C THR B 19 -3.53 -1.44 6.45
N ILE B 20 -4.81 -1.84 6.37
CA ILE B 20 -5.34 -2.98 7.15
C ILE B 20 -5.87 -4.12 6.24
N GLU B 21 -5.53 -4.07 4.96
CA GLU B 21 -5.82 -5.07 3.97
C GLU B 21 -7.12 -4.70 3.29
N GLN B 22 -8.19 -5.48 3.44
CA GLN B 22 -9.48 -5.15 2.85
C GLN B 22 -9.95 -3.88 3.52
N LEU B 23 -10.95 -3.27 2.91
CA LEU B 23 -11.65 -2.15 3.48
C LEU B 23 -12.26 -2.68 4.82
N PHE B 24 -11.83 -2.07 5.92
CA PHE B 24 -12.21 -2.38 7.30
C PHE B 24 -11.47 -3.60 7.81
N GLY B 25 -10.42 -4.01 7.11
CA GLY B 25 -9.75 -5.24 7.43
C GLY B 25 -10.74 -6.39 7.45
N THR B 26 -10.57 -7.27 8.44
CA THR B 26 -11.57 -8.32 8.75
C THR B 26 -12.97 -7.79 8.98
N GLY B 27 -13.10 -6.52 9.38
CA GLY B 27 -14.39 -5.98 9.82
C GLY B 27 -14.54 -6.03 11.35
N ILE B 28 -13.68 -6.79 12.00
CA ILE B 28 -13.69 -6.99 13.45
C ILE B 28 -13.25 -5.70 14.08
N LEU B 29 -14.18 -5.07 14.81
CA LEU B 29 -13.86 -3.99 15.71
C LEU B 29 -13.56 -4.50 17.11
N VAL B 30 -12.48 -4.01 17.70
CA VAL B 30 -12.09 -4.48 19.02
C VAL B 30 -13.15 -3.91 19.97
N PRO B 31 -13.96 -4.80 20.61
CA PRO B 31 -15.04 -4.36 21.51
C PRO B 31 -14.51 -3.42 22.59
N GLY B 32 -15.19 -2.29 22.76
CA GLY B 32 -14.77 -1.27 23.70
C GLY B 32 -13.52 -0.47 23.37
N TYR B 33 -12.89 -0.70 22.21
CA TYR B 33 -11.66 0.03 21.87
C TYR B 33 -11.68 0.75 20.48
N GLY B 34 -12.73 0.53 19.67
CA GLY B 34 -13.00 1.33 18.48
C GLY B 34 -12.13 1.16 17.22
N LEU B 35 -11.11 0.29 17.25
CA LEU B 35 -10.15 0.13 16.16
C LEU B 35 -10.39 -1.16 15.35
N PHE B 36 -10.26 -1.03 14.03
CA PHE B 36 -10.42 -2.17 13.09
C PHE B 36 -9.19 -3.10 13.01
N LEU B 37 -9.43 -4.39 12.91
CA LEU B 37 -8.34 -5.37 12.82
C LEU B 37 -8.17 -5.87 11.38
N ASN B 38 -6.90 -5.83 10.97
CA ASN B 38 -6.48 -6.24 9.64
C ASN B 38 -6.84 -7.67 9.33
N ASN B 39 -6.96 -7.93 8.03
CA ASN B 39 -7.04 -9.28 7.51
C ASN B 39 -5.79 -9.53 6.68
N GLU B 40 -4.69 -8.93 7.10
CA GLU B 40 -3.44 -8.91 6.35
C GLU B 40 -2.94 -10.32 6.02
N LEU B 41 -3.31 -11.33 6.82
CA LEU B 41 -2.74 -12.67 6.62
C LEU B 41 -3.34 -13.39 5.42
N THR B 42 -4.49 -12.96 4.92
CA THR B 42 -4.91 -13.49 3.61
C THR B 42 -4.07 -13.00 2.42
N ASP B 43 -3.03 -12.17 2.63
CA ASP B 43 -2.08 -11.86 1.56
C ASP B 43 -1.12 -12.99 1.36
N PHE B 44 -1.07 -13.90 2.35
CA PHE B 44 -0.48 -15.21 2.12
C PHE B 44 -1.18 -16.03 1.04
N ASP B 45 -0.40 -16.88 0.37
CA ASP B 45 -0.98 -17.96 -0.42
C ASP B 45 -1.88 -18.84 0.46
N ALA B 46 -3.03 -19.21 -0.05
CA ALA B 46 -3.98 -20.11 0.65
C ALA B 46 -3.53 -21.55 0.57
N ILE B 47 -2.97 -21.94 -0.57
CA ILE B 47 -2.36 -23.23 -0.74
C ILE B 47 -0.88 -23.08 -0.45
N PRO B 48 -0.36 -23.82 0.58
CA PRO B 48 1.10 -23.74 0.96
C PRO B 48 2.06 -24.41 -0.03
N GLY B 49 3.36 -24.31 0.26
CA GLY B 49 4.40 -24.92 -0.54
C GLY B 49 5.33 -23.91 -1.16
N GLY B 50 4.87 -22.66 -1.27
CA GLY B 50 5.56 -21.67 -2.06
C GLY B 50 6.22 -20.62 -1.23
N ALA B 51 6.90 -19.74 -1.94
CA ALA B 51 7.55 -18.59 -1.35
C ALA B 51 6.64 -17.82 -0.39
N ASN B 52 5.38 -17.56 -0.78
CA ASN B 52 4.41 -16.79 0.04
C ASN B 52 3.43 -17.65 0.90
N GLU B 53 3.87 -18.84 1.30
CA GLU B 53 3.08 -19.67 2.23
C GLU B 53 2.97 -19.02 3.60
N VAL B 54 1.88 -19.29 4.29
CA VAL B 54 1.72 -18.93 5.71
C VAL B 54 2.80 -19.67 6.55
N GLN B 55 3.42 -18.99 7.49
CA GLN B 55 4.22 -19.64 8.51
C GLN B 55 4.07 -18.78 9.75
N PRO B 56 4.17 -19.41 10.94
CA PRO B 56 4.14 -18.61 12.15
C PRO B 56 5.31 -17.64 12.19
N ASN B 57 4.98 -16.44 12.65
CA ASN B 57 5.90 -15.30 12.78
C ASN B 57 6.32 -14.69 11.39
N LYS B 58 5.65 -15.13 10.31
CA LYS B 58 6.02 -14.69 8.95
C LYS B 58 5.20 -13.49 8.51
N ARG B 59 5.79 -12.68 7.61
CA ARG B 59 5.12 -11.53 7.05
C ARG B 59 4.50 -11.87 5.69
N PRO B 60 3.16 -11.69 5.55
CA PRO B 60 2.52 -11.91 4.27
C PRO B 60 3.03 -10.92 3.23
N LEU B 61 3.39 -11.45 2.08
CA LEU B 61 3.79 -10.64 0.92
C LEU B 61 2.84 -9.45 0.69
N SER B 62 3.43 -8.26 0.60
CA SER B 62 2.70 -7.05 0.21
C SER B 62 2.98 -6.78 -1.25
N SER B 63 2.18 -5.87 -1.82
CA SER B 63 2.41 -5.18 -3.05
C SER B 63 2.63 -3.68 -2.81
N MET B 64 2.70 -3.23 -1.55
CA MET B 64 2.86 -1.79 -1.29
C MET B 64 4.21 -1.30 -1.77
N THR B 65 4.23 -0.09 -2.34
CA THR B 65 5.36 0.33 -3.19
C THR B 65 5.67 1.80 -2.96
N PRO B 66 5.91 2.18 -1.68
CA PRO B 66 6.31 3.53 -1.37
C PRO B 66 7.65 3.79 -2.03
N THR B 67 7.76 4.89 -2.75
CA THR B 67 8.89 5.12 -3.61
C THR B 67 9.36 6.56 -3.53
N ILE B 68 10.69 6.76 -3.64
CA ILE B 68 11.28 8.07 -3.82
C ILE B 68 12.22 7.99 -5.03
N VAL B 69 12.03 8.92 -5.96
CA VAL B 69 12.86 9.01 -7.18
C VAL B 69 13.88 10.11 -6.94
N PHE B 70 15.09 9.94 -7.48
CA PHE B 70 16.25 10.81 -7.22
C PHE B 70 16.93 11.23 -8.54
N LYS B 71 17.36 12.49 -8.61
CA LYS B 71 18.21 13.00 -9.68
C LYS B 71 19.51 13.53 -9.01
N ASP B 72 20.68 13.09 -9.50
CA ASP B 72 21.98 13.55 -8.94
C ASP B 72 21.96 13.38 -7.43
N GLU B 73 21.48 12.20 -7.00
CA GLU B 73 21.42 11.77 -5.61
C GLU B 73 20.55 12.64 -4.65
N LYS B 74 19.77 13.61 -5.17
CA LYS B 74 18.84 14.39 -4.33
C LYS B 74 17.38 13.95 -4.63
N PRO B 75 16.50 13.88 -3.62
CA PRO B 75 15.15 13.41 -3.95
C PRO B 75 14.46 14.41 -4.83
N VAL B 76 13.75 13.94 -5.86
CA VAL B 76 12.93 14.83 -6.69
C VAL B 76 11.43 14.48 -6.77
N LEU B 77 11.03 13.23 -6.50
CA LEU B 77 9.61 12.83 -6.60
C LEU B 77 9.27 11.64 -5.71
N THR B 78 8.18 11.74 -4.92
CA THR B 78 7.67 10.64 -4.13
C THR B 78 6.44 10.08 -4.86
N VAL B 79 6.31 8.75 -4.87
CA VAL B 79 5.15 8.08 -5.48
C VAL B 79 4.74 6.93 -4.60
N GLY B 80 3.45 6.64 -4.60
CA GLY B 80 2.89 5.46 -3.94
C GLY B 80 1.39 5.42 -4.16
N SER B 81 0.77 4.28 -3.84
CA SER B 81 -0.63 4.12 -4.10
C SER B 81 -1.16 3.00 -3.26
N PRO B 82 -2.46 3.03 -2.95
CA PRO B 82 -3.19 1.84 -2.56
C PRO B 82 -3.65 1.05 -3.78
N GLY B 83 -4.30 -0.10 -3.51
CA GLY B 83 -4.97 -0.93 -4.55
C GLY B 83 -4.53 -2.37 -4.66
N GLY B 84 -4.03 -2.96 -3.57
CA GLY B 84 -3.60 -4.39 -3.61
C GLY B 84 -2.49 -4.64 -4.64
N THR B 85 -2.63 -5.74 -5.36
CA THR B 85 -1.69 -6.10 -6.41
C THR B 85 -1.64 -5.10 -7.59
N THR B 86 -2.68 -4.24 -7.74
CA THR B 86 -2.62 -3.13 -8.73
C THR B 86 -1.63 -2.04 -8.40
N ILE B 87 -1.18 -1.96 -7.14
CA ILE B 87 -0.26 -0.89 -6.73
C ILE B 87 0.99 -0.83 -7.63
N ILE B 88 1.54 -1.98 -7.98
CA ILE B 88 2.70 -2.01 -8.86
C ILE B 88 2.33 -1.25 -10.18
N ALA B 89 1.20 -1.62 -10.76
CA ALA B 89 0.71 -0.99 -11.99
C ALA B 89 0.52 0.50 -11.79
N SER B 90 -0.03 0.96 -10.66
CA SER B 90 -0.27 2.41 -10.49
C SER B 90 1.07 3.19 -10.40
N VAL B 91 2.04 2.65 -9.70
CA VAL B 91 3.31 3.37 -9.46
C VAL B 91 4.14 3.41 -10.77
N PHE B 92 4.25 2.29 -11.47
CA PHE B 92 5.13 2.24 -12.67
C PHE B 92 4.55 3.08 -13.78
N GLN B 93 3.22 3.11 -13.87
CA GLN B 93 2.53 3.90 -14.89
C GLN B 93 2.66 5.40 -14.63
N THR B 94 2.57 5.80 -13.37
CA THR B 94 2.85 7.19 -13.02
C THR B 94 4.27 7.61 -13.40
N ILE B 95 5.22 6.80 -12.97
CA ILE B 95 6.63 7.04 -13.30
C ILE B 95 6.89 7.02 -14.81
N LEU B 96 6.31 6.06 -15.53
CA LEU B 96 6.36 6.03 -16.98
C LEU B 96 5.79 7.33 -17.57
N ASN B 97 4.65 7.76 -17.09
CA ASN B 97 4.00 8.93 -17.66
C ASN B 97 4.78 10.25 -17.41
N TYR B 98 5.30 10.40 -16.20
CA TYR B 98 6.13 11.54 -15.82
C TYR B 98 7.49 11.56 -16.56
N PHE B 99 8.25 10.47 -16.52
CA PHE B 99 9.60 10.51 -17.04
C PHE B 99 9.79 10.08 -18.50
N GLU B 100 9.03 9.08 -18.94
CA GLU B 100 9.12 8.57 -20.33
C GLU B 100 8.30 9.44 -21.26
N TYR B 101 7.11 9.83 -20.83
CA TYR B 101 6.23 10.71 -21.63
C TYR B 101 6.39 12.22 -21.33
N GLY B 102 6.94 12.59 -20.18
CA GLY B 102 7.14 14.03 -19.87
C GLY B 102 5.85 14.76 -19.57
N MET B 103 4.85 14.07 -19.00
CA MET B 103 3.63 14.73 -18.63
C MET B 103 3.91 15.52 -17.36
N SER B 104 3.05 16.51 -17.13
CA SER B 104 2.97 17.14 -15.83
C SER B 104 2.53 16.08 -14.80
N LEU B 105 2.75 16.38 -13.54
CA LEU B 105 2.57 15.39 -12.48
C LEU B 105 1.10 14.99 -12.37
N GLN B 106 0.25 15.99 -12.39
CA GLN B 106 -1.14 15.72 -12.40
C GLN B 106 -1.59 14.92 -13.62
N ASP B 107 -1.10 15.26 -14.83
CA ASP B 107 -1.48 14.51 -16.01
C ASP B 107 -1.00 13.05 -15.86
N ALA B 108 0.21 12.88 -15.36
CA ALA B 108 0.79 11.59 -15.18
C ALA B 108 -0.05 10.72 -14.25
N ILE B 109 -0.57 11.33 -13.20
CA ILE B 109 -1.39 10.66 -12.19
C ILE B 109 -2.79 10.35 -12.75
N GLU B 110 -3.38 11.27 -13.49
CA GLU B 110 -4.75 11.14 -13.98
C GLU B 110 -4.94 10.34 -15.24
N GLU B 111 -3.88 10.18 -16.01
CA GLU B 111 -3.92 9.32 -17.18
C GLU B 111 -4.51 7.94 -16.86
N PRO B 112 -5.47 7.50 -17.66
CA PRO B 112 -5.97 6.15 -17.47
C PRO B 112 -4.89 5.03 -17.40
N ARG B 113 -4.97 4.26 -16.29
CA ARG B 113 -4.13 3.13 -16.05
C ARG B 113 -4.82 1.84 -16.49
N ILE B 114 -4.00 0.87 -16.88
CA ILE B 114 -4.46 -0.51 -17.02
C ILE B 114 -3.75 -1.42 -15.97
N TYR B 115 -4.31 -2.61 -15.77
CA TYR B 115 -3.73 -3.63 -14.90
C TYR B 115 -4.11 -4.99 -15.45
N THR B 116 -3.13 -5.88 -15.54
CA THR B 116 -3.42 -7.28 -15.87
C THR B 116 -2.37 -8.17 -15.30
N ASN B 117 -2.73 -8.99 -14.30
CA ASN B 117 -1.78 -9.92 -13.64
C ASN B 117 -1.71 -11.26 -14.35
N SER B 118 -2.63 -11.51 -15.26
CA SER B 118 -2.73 -12.83 -15.88
C SER B 118 -3.60 -12.73 -17.13
N LEU B 119 -3.62 -13.80 -17.93
CA LEU B 119 -4.50 -13.86 -19.09
C LEU B 119 -5.97 -13.88 -18.70
N THR B 120 -6.29 -14.04 -17.41
CA THR B 120 -7.68 -14.08 -16.95
C THR B 120 -8.08 -12.93 -16.01
N SER B 121 -7.30 -11.87 -15.98
CA SER B 121 -7.62 -10.77 -15.08
C SER B 121 -7.10 -9.48 -15.70
N TYR B 122 -8.02 -8.60 -16.12
CA TYR B 122 -7.73 -7.32 -16.76
C TYR B 122 -8.61 -6.25 -16.12
N ARG B 123 -8.02 -5.08 -15.93
CA ARG B 123 -8.74 -3.85 -15.57
C ARG B 123 -8.24 -2.66 -16.35
N TYR B 124 -9.13 -1.69 -16.52
CA TYR B 124 -8.76 -0.39 -17.06
C TYR B 124 -9.61 0.73 -16.50
N GLU B 125 -9.04 1.94 -16.47
CA GLU B 125 -9.76 3.12 -16.04
C GLU B 125 -10.45 3.74 -17.24
N SER B 126 -11.50 4.49 -16.96
CA SER B 126 -12.23 5.14 -18.04
CA SER B 126 -12.25 5.22 -18.00
C SER B 126 -11.34 6.16 -18.75
N GLY B 127 -11.47 6.18 -20.04
CA GLY B 127 -10.64 7.01 -20.88
C GLY B 127 -9.83 6.22 -21.87
N MET B 128 -9.70 4.90 -21.71
CA MET B 128 -9.19 4.05 -22.79
C MET B 128 -10.21 4.14 -23.91
N PRO B 129 -9.77 4.40 -25.14
CA PRO B 129 -10.84 4.58 -26.15
C PRO B 129 -11.47 3.23 -26.48
N GLU B 130 -12.71 3.31 -26.92
CA GLU B 130 -13.52 2.15 -27.23
C GLU B 130 -12.96 1.33 -28.37
N ASP B 131 -12.62 2.03 -29.44
CA ASP B 131 -12.05 1.39 -30.60
C ASP B 131 -10.73 0.64 -30.27
N VAL B 132 -9.87 1.22 -29.45
CA VAL B 132 -8.59 0.61 -29.04
C VAL B 132 -8.84 -0.60 -28.12
N ARG B 133 -9.75 -0.49 -27.16
CA ARG B 133 -10.15 -1.67 -26.32
C ARG B 133 -10.57 -2.85 -27.20
N ARG B 134 -11.40 -2.59 -28.22
CA ARG B 134 -11.87 -3.64 -29.17
C ARG B 134 -10.75 -4.29 -29.88
N LYS B 135 -9.88 -3.45 -30.47
CA LYS B 135 -8.73 -3.97 -31.14
C LYS B 135 -7.80 -4.75 -30.17
N LEU B 136 -7.61 -4.29 -28.93
CA LEU B 136 -6.84 -5.09 -27.95
C LEU B 136 -7.49 -6.47 -27.72
N ASN B 137 -8.81 -6.44 -27.53
CA ASN B 137 -9.55 -7.69 -27.29
C ASN B 137 -9.47 -8.65 -28.48
N ASP B 138 -9.65 -8.14 -29.70
CA ASP B 138 -9.49 -8.94 -30.93
C ASP B 138 -8.13 -9.61 -31.03
N PHE B 139 -7.11 -8.90 -30.57
CA PHE B 139 -5.74 -9.38 -30.51
C PHE B 139 -5.50 -10.43 -29.41
N GLY B 140 -6.46 -10.63 -28.49
CA GLY B 140 -6.34 -11.65 -27.44
C GLY B 140 -6.56 -11.17 -26.01
N HIS B 141 -6.75 -9.86 -25.78
CA HIS B 141 -6.89 -9.35 -24.41
C HIS B 141 -8.34 -9.45 -23.96
N LYS B 142 -8.58 -9.17 -22.69
CA LYS B 142 -9.87 -9.38 -22.06
C LYS B 142 -10.26 -8.19 -21.22
N PHE B 143 -10.21 -7.00 -21.82
CA PHE B 143 -10.67 -5.82 -21.16
C PHE B 143 -12.20 -5.84 -21.22
N GLY B 144 -12.83 -5.63 -20.08
CA GLY B 144 -14.27 -5.82 -19.91
C GLY B 144 -15.02 -4.63 -20.47
N SER B 145 -16.34 -4.71 -20.32
CA SER B 145 -17.24 -3.65 -20.76
C SER B 145 -17.32 -2.49 -19.73
N ASN B 146 -16.73 -2.64 -18.54
CA ASN B 146 -16.83 -1.64 -17.49
C ASN B 146 -15.50 -1.12 -16.94
N PRO B 147 -15.29 0.18 -17.04
CA PRO B 147 -14.10 0.77 -16.45
C PRO B 147 -14.15 0.81 -14.93
N VAL B 148 -12.98 0.78 -14.31
CA VAL B 148 -12.86 0.95 -12.89
C VAL B 148 -11.63 1.80 -12.58
N ASP B 149 -11.71 2.54 -11.49
CA ASP B 149 -10.62 3.36 -11.03
C ASP B 149 -9.55 2.45 -10.52
N ILE B 150 -8.30 2.81 -10.75
CA ILE B 150 -7.20 1.96 -10.33
C ILE B 150 -6.31 2.83 -9.53
N GLY B 151 -6.05 2.43 -8.30
CA GLY B 151 -5.15 3.17 -7.41
C GLY B 151 -5.61 4.58 -7.02
N ASN B 152 -4.67 5.30 -6.42
CA ASN B 152 -4.91 6.61 -5.74
C ASN B 152 -3.50 7.17 -5.35
N VAL B 153 -2.85 7.72 -6.36
CA VAL B 153 -1.48 8.20 -6.22
C VAL B 153 -1.46 9.58 -5.60
N GLN B 154 -0.80 9.70 -4.45
CA GLN B 154 -0.39 10.96 -3.88
C GLN B 154 1.09 11.10 -4.16
N SER B 155 1.51 12.29 -4.52
CA SER B 155 2.90 12.50 -4.94
C SER B 155 3.35 13.95 -4.67
N ILE B 156 4.62 14.10 -4.29
CA ILE B 156 5.25 15.43 -4.16
C ILE B 156 6.46 15.53 -5.07
N PHE B 157 6.44 16.53 -5.96
CA PHE B 157 7.61 17.02 -6.73
C PHE B 157 8.47 18.08 -5.94
N ILE B 158 9.79 17.85 -5.86
CA ILE B 158 10.75 18.77 -5.21
C ILE B 158 11.44 19.53 -6.34
N ASP B 159 11.00 20.77 -6.59
CA ASP B 159 11.48 21.64 -7.66
C ASP B 159 12.62 22.55 -7.13
N ARG B 160 13.87 22.15 -7.29
CA ARG B 160 14.99 22.92 -6.73
C ARG B 160 15.29 24.23 -7.48
N GLU B 161 15.17 24.23 -8.81
CA GLU B 161 15.45 25.45 -9.59
C GLU B 161 14.45 26.57 -9.26
N ASN B 162 13.16 26.23 -9.04
CA ASN B 162 12.17 27.20 -8.60
C ASN B 162 12.01 27.27 -7.08
N LYS B 163 12.77 26.47 -6.32
CA LYS B 163 12.79 26.44 -4.84
C LYS B 163 11.43 26.22 -4.15
N THR B 164 10.77 25.12 -4.54
CA THR B 164 9.34 24.91 -4.28
C THR B 164 8.98 23.43 -4.24
N PHE B 165 7.93 23.10 -3.49
CA PHE B 165 7.31 21.77 -3.51
C PHE B 165 5.96 21.83 -4.22
N MET B 166 5.71 20.83 -5.04
CA MET B 166 4.40 20.67 -5.60
C MET B 166 3.84 19.32 -5.17
N GLY B 167 2.64 19.34 -4.61
CA GLY B 167 1.94 18.11 -4.17
C GLY B 167 0.72 17.92 -5.05
N VAL B 168 0.35 16.66 -5.31
CA VAL B 168 -0.81 16.27 -6.11
C VAL B 168 -1.50 15.09 -5.39
N ALA B 169 -2.83 15.15 -5.30
CA ALA B 169 -3.68 14.04 -4.81
C ALA B 169 -4.55 13.66 -5.97
N ASP B 170 -4.62 12.34 -6.19
CA ASP B 170 -5.38 11.66 -7.28
C ASP B 170 -6.83 11.98 -6.97
N SER B 171 -7.60 12.09 -8.05
CA SER B 171 -9.01 12.34 -7.97
C SER B 171 -9.82 11.07 -7.62
N SER B 172 -9.22 9.89 -7.67
CA SER B 172 -9.92 8.62 -7.31
C SER B 172 -10.46 8.57 -5.85
N ARG B 173 -9.93 9.38 -4.96
CA ARG B 173 -10.43 9.62 -3.61
C ARG B 173 -10.45 11.12 -3.41
N ASN B 174 -11.00 11.59 -2.29
CA ASN B 174 -11.07 13.05 -2.01
C ASN B 174 -9.83 13.63 -1.35
N GLY B 175 -8.65 13.13 -1.71
CA GLY B 175 -7.41 13.66 -1.18
C GLY B 175 -7.10 15.10 -1.54
N THR B 176 -6.24 15.69 -0.74
CA THR B 176 -5.75 16.99 -1.01
C THR B 176 -4.24 17.09 -0.80
N ALA B 177 -3.66 18.03 -1.52
CA ALA B 177 -2.31 18.54 -1.29
C ALA B 177 -2.45 19.90 -0.59
N VAL B 178 -1.68 20.10 0.50
CA VAL B 178 -1.61 21.40 1.19
C VAL B 178 -0.14 21.76 1.40
N GLY B 179 0.26 22.90 0.86
CA GLY B 179 1.62 23.42 1.04
C GLY B 179 1.70 24.37 2.21
N VAL B 180 2.93 24.58 2.68
CA VAL B 180 3.23 25.37 3.86
C VAL B 180 4.30 26.42 3.54
N ASN B 181 4.04 27.66 3.95
CA ASN B 181 4.98 28.78 3.77
C ASN B 181 5.45 29.31 5.14
N ASN B 182 6.78 29.47 5.26
CA ASN B 182 7.58 29.61 6.53
C ASN B 182 7.00 29.02 7.80
#